data_6TZO
#
_entry.id   6TZO
#
_cell.length_a   50.141
_cell.length_b   56.427
_cell.length_c   82.501
_cell.angle_alpha   90.000
_cell.angle_beta   90.000
_cell.angle_gamma   90.000
#
_symmetry.space_group_name_H-M   'P 21 21 21'
#
loop_
_entity.id
_entity.type
_entity.pdbx_description
1 polymer 'tRNA ligase'
2 non-polymer "2'-DEOXYGUANOSINE-5'-DIPHOSPHATE"
3 non-polymer 'PHOSPHATE ION'
4 water water
#
_entity_poly.entity_id   1
_entity_poly.type   'polypeptide(L)'
_entity_poly.pdbx_seq_one_letter_code
;ANGNEGLSTTTKYIFVPIATIGCGKTTVFNTLNNLFPQWTHIQNNNISKKAKLKICDLTLLALEDDDQSVVLFDRNNSAS
RERRQIFTTIDQKRDEHLDDTVDLKYIAINFIPEDLSEEELWDITYNRVIQRGDNHQSIKSQLDENLVESVMKGFIQRYQ
PINTSRSPDDQFDHVIHLKLSKDENSLKSSLENVRIIIDDLVQNFPDLIKEKPADELINECFQKALDYKPTFVKNMTANT
IKKDPTYYGIAMHYSSILENLEIVSHNEHFQNIKSHIQTEFHVTLGHIASSKQDKAGRVKWKKLVKTLGKGDPNKPKSAL
KFFADVKLLQIVINTDKLACIKVEILKIYDTNDVLQSEIEPINKQLHITIGCIPPATAVESNITLEELYDNPDEQELKPD
GTYKCGDDTLHVFNFDNPDLKLFSQQLFVAYQ
;
_entity_poly.pdbx_strand_id   A
#
# COMPACT_ATOMS: atom_id res chain seq x y z
N LEU A 7 6.13 7.65 -24.92
CA LEU A 7 5.96 8.02 -26.32
C LEU A 7 6.25 6.84 -27.26
N SER A 8 6.85 5.78 -26.71
CA SER A 8 7.25 4.64 -27.50
C SER A 8 7.32 3.38 -26.63
N THR A 9 7.78 3.53 -25.40
CA THR A 9 7.84 2.44 -24.44
C THR A 9 7.68 3.04 -23.06
N THR A 10 6.54 2.79 -22.42
CA THR A 10 6.27 3.34 -21.09
C THR A 10 6.20 2.23 -20.06
N THR A 11 6.73 2.48 -18.87
CA THR A 11 6.67 1.54 -17.77
C THR A 11 5.71 2.08 -16.72
N LYS A 12 4.81 1.22 -16.25
CA LYS A 12 3.87 1.57 -15.18
C LYS A 12 4.12 0.71 -13.95
N TYR A 13 3.68 1.22 -12.81
CA TYR A 13 3.97 0.62 -11.52
C TYR A 13 2.69 0.45 -10.70
N ILE A 14 2.54 -0.73 -10.11
CA ILE A 14 1.49 -0.99 -9.13
C ILE A 14 2.20 -1.31 -7.81
N PHE A 15 1.99 -0.47 -6.81
CA PHE A 15 2.58 -0.67 -5.48
C PHE A 15 1.60 -1.47 -4.64
N VAL A 16 2.02 -2.65 -4.19
CA VAL A 16 1.13 -3.61 -3.54
C VAL A 16 1.55 -3.80 -2.09
N PRO A 17 0.73 -3.37 -1.12
CA PRO A 17 1.05 -3.67 0.28
C PRO A 17 0.90 -5.14 0.59
N ILE A 18 1.72 -5.59 1.55
CA ILE A 18 1.45 -6.82 2.29
C ILE A 18 1.39 -6.38 3.75
N ALA A 19 0.19 -6.43 4.33
CA ALA A 19 -0.03 -5.74 5.59
C ALA A 19 -1.28 -6.31 6.28
N THR A 20 -1.51 -5.84 7.50
CA THR A 20 -2.76 -6.04 8.23
C THR A 20 -3.31 -4.67 8.64
N ILE A 21 -4.47 -4.66 9.27
CA ILE A 21 -5.09 -3.37 9.58
C ILE A 21 -4.22 -2.57 10.53
N GLY A 22 -4.08 -1.28 10.26
CA GLY A 22 -3.37 -0.39 11.16
C GLY A 22 -1.87 -0.34 10.97
N CYS A 23 -1.33 -1.00 9.94
CA CYS A 23 0.11 -0.96 9.70
C CYS A 23 0.57 0.38 9.15
N GLY A 24 -0.36 1.22 8.68
CA GLY A 24 -0.05 2.53 8.17
C GLY A 24 -0.11 2.66 6.66
N LYS A 25 -0.79 1.75 5.97
CA LYS A 25 -0.91 1.82 4.51
C LYS A 25 -1.49 3.15 4.08
N THR A 26 -2.65 3.52 4.63
CA THR A 26 -3.33 4.73 4.17
C THR A 26 -2.46 5.97 4.43
N THR A 27 -1.78 6.00 5.59
CA THR A 27 -0.94 7.14 5.94
C THR A 27 0.27 7.26 5.02
N VAL A 28 0.95 6.14 4.80
CA VAL A 28 2.11 6.13 3.91
C VAL A 28 1.71 6.50 2.49
N PHE A 29 0.63 5.89 2.00
CA PHE A 29 0.22 6.15 0.62
C PHE A 29 -0.32 7.58 0.44
N ASN A 30 -1.05 8.10 1.43
CA ASN A 30 -1.49 9.50 1.36
C ASN A 30 -0.31 10.46 1.35
N THR A 31 0.72 10.17 2.17
CA THR A 31 1.92 11.02 2.18
C THR A 31 2.59 11.01 0.80
N LEU A 32 2.76 9.83 0.23
CA LEU A 32 3.32 9.72 -1.11
C LEU A 32 2.47 10.46 -2.15
N ASN A 33 1.14 10.36 -2.06
CA ASN A 33 0.32 11.07 -3.05
C ASN A 33 0.42 12.59 -2.86
N ASN A 34 0.53 13.05 -1.61
CA ASN A 34 0.76 14.47 -1.38
C ASN A 34 2.05 14.93 -2.04
N LEU A 35 3.09 14.10 -2.00
CA LEU A 35 4.36 14.45 -2.60
C LEU A 35 4.32 14.34 -4.12
N PHE A 36 3.58 13.37 -4.65
CA PHE A 36 3.55 13.04 -6.07
C PHE A 36 2.08 13.04 -6.49
N PRO A 37 1.53 14.22 -6.80
CA PRO A 37 0.10 14.31 -7.13
C PRO A 37 -0.30 13.48 -8.33
N GLN A 38 0.61 13.28 -9.28
CA GLN A 38 0.28 12.51 -10.47
C GLN A 38 0.05 11.04 -10.16
N TRP A 39 0.53 10.54 -9.02
CA TRP A 39 0.27 9.16 -8.67
C TRP A 39 -1.20 8.99 -8.30
N THR A 40 -1.71 7.77 -8.45
CA THR A 40 -3.12 7.50 -8.17
C THR A 40 -3.21 6.56 -6.99
N HIS A 41 -3.87 7.01 -5.92
CA HIS A 41 -4.08 6.22 -4.72
C HIS A 41 -5.49 5.64 -4.78
N ILE A 42 -5.59 4.32 -4.96
CA ILE A 42 -6.90 3.66 -5.04
C ILE A 42 -7.13 2.95 -3.72
N GLN A 43 -8.20 3.33 -3.04
CA GLN A 43 -8.42 2.91 -1.65
C GLN A 43 -9.54 1.89 -1.59
N ASN A 44 -9.19 0.63 -1.30
CA ASN A 44 -10.21 -0.41 -1.18
C ASN A 44 -11.27 -0.03 -0.15
N ASN A 45 -10.89 0.73 0.88
CA ASN A 45 -11.84 1.22 1.88
C ASN A 45 -12.98 2.00 1.24
N ASN A 46 -12.71 2.68 0.13
CA ASN A 46 -13.68 3.57 -0.48
C ASN A 46 -14.51 2.93 -1.58
N ILE A 47 -14.34 1.63 -1.82
CA ILE A 47 -15.05 0.91 -2.89
C ILE A 47 -16.17 0.08 -2.28
N SER A 48 -17.39 0.26 -2.79
CA SER A 48 -18.51 -0.57 -2.36
C SER A 48 -18.25 -2.03 -2.70
N LYS A 49 -18.58 -2.93 -1.77
CA LYS A 49 -18.46 -4.36 -2.05
C LYS A 49 -19.44 -4.79 -3.15
N LYS A 50 -20.43 -3.95 -3.46
CA LYS A 50 -21.36 -4.16 -4.56
C LYS A 50 -21.04 -3.26 -5.75
N ALA A 51 -19.77 -2.92 -5.94
CA ALA A 51 -19.39 -2.01 -7.00
C ALA A 51 -19.20 -2.76 -8.30
N LYS A 52 -19.64 -2.14 -9.40
CA LYS A 52 -19.40 -2.74 -10.70
C LYS A 52 -17.91 -2.80 -10.98
N LEU A 53 -17.17 -1.71 -10.73
CA LEU A 53 -15.72 -1.69 -10.90
C LEU A 53 -15.05 -1.94 -9.55
N LYS A 54 -14.28 -3.03 -9.44
CA LYS A 54 -13.55 -3.33 -8.22
C LYS A 54 -12.14 -2.77 -8.33
N ILE A 55 -11.34 -2.99 -7.28
CA ILE A 55 -10.06 -2.29 -7.19
C ILE A 55 -9.15 -2.65 -8.36
N CYS A 56 -9.21 -3.89 -8.83
CA CYS A 56 -8.37 -4.28 -9.97
C CYS A 56 -8.80 -3.57 -11.24
N ASP A 57 -10.11 -3.39 -11.43
CA ASP A 57 -10.60 -2.65 -12.59
C ASP A 57 -10.20 -1.19 -12.53
N LEU A 58 -10.33 -0.58 -11.36
CA LEU A 58 -9.98 0.82 -11.22
C LEU A 58 -8.49 1.02 -11.41
N THR A 59 -7.69 0.02 -11.02
CA THR A 59 -6.24 0.11 -11.20
C THR A 59 -5.88 0.21 -12.68
N LEU A 60 -6.47 -0.67 -13.49
CA LEU A 60 -6.15 -0.66 -14.92
C LEU A 60 -6.66 0.61 -15.59
N LEU A 61 -7.84 1.09 -15.20
CA LEU A 61 -8.34 2.35 -15.74
C LEU A 61 -7.42 3.52 -15.40
N ALA A 62 -6.80 3.48 -14.23
CA ALA A 62 -5.92 4.54 -13.75
C ALA A 62 -4.51 4.41 -14.29
N LEU A 63 -4.28 3.52 -15.26
CA LEU A 63 -2.99 3.38 -15.91
C LEU A 63 -3.09 3.58 -17.41
N GLU A 64 -4.25 3.99 -17.93
CA GLU A 64 -4.42 4.06 -19.38
C GLU A 64 -3.70 5.24 -19.99
N ASP A 65 -3.75 6.42 -19.36
CA ASP A 65 -3.22 7.58 -20.06
C ASP A 65 -1.70 7.65 -19.91
N ASP A 66 -1.06 8.32 -20.87
CA ASP A 66 0.37 8.59 -20.75
C ASP A 66 0.67 9.36 -19.48
N ASP A 67 -0.32 10.10 -18.95
CA ASP A 67 -0.17 10.82 -17.69
C ASP A 67 0.08 9.88 -16.53
N GLN A 68 -0.51 8.69 -16.56
CA GLN A 68 -0.68 7.87 -15.36
C GLN A 68 0.37 6.76 -15.35
N SER A 69 1.25 6.79 -14.34
CA SER A 69 2.37 5.86 -14.23
C SER A 69 2.29 4.94 -13.03
N VAL A 70 1.66 5.38 -11.93
CA VAL A 70 1.76 4.71 -10.63
C VAL A 70 0.37 4.54 -10.05
N VAL A 71 0.06 3.33 -9.60
CA VAL A 71 -1.11 3.11 -8.75
C VAL A 71 -0.62 2.64 -7.39
N LEU A 72 -1.12 3.31 -6.34
CA LEU A 72 -0.93 2.82 -4.98
C LEU A 72 -2.17 1.99 -4.65
N PHE A 73 -1.98 0.69 -4.60
CA PHE A 73 -3.06 -0.30 -4.50
C PHE A 73 -3.33 -0.51 -3.03
N ASP A 74 -4.26 0.26 -2.46
CA ASP A 74 -4.40 0.32 -1.00
C ASP A 74 -5.37 -0.75 -0.51
N ARG A 75 -4.83 -1.92 -0.21
CA ARG A 75 -5.54 -3.06 0.34
C ARG A 75 -4.52 -3.85 1.15
N ASN A 76 -4.99 -4.63 2.13
CA ASN A 76 -4.07 -5.33 3.03
C ASN A 76 -3.28 -6.41 2.31
N ASN A 77 -3.96 -7.26 1.54
CA ASN A 77 -3.36 -8.43 0.90
C ASN A 77 -2.56 -9.27 1.91
N SER A 78 -3.17 -9.52 3.07
CA SER A 78 -2.45 -10.29 4.09
C SER A 78 -2.29 -11.75 3.68
N ALA A 79 -3.23 -12.29 2.90
CA ALA A 79 -3.18 -13.68 2.47
C ALA A 79 -2.55 -13.78 1.09
N SER A 80 -1.85 -14.89 0.85
CA SER A 80 -1.15 -15.03 -0.42
C SER A 80 -2.13 -15.03 -1.59
N ARG A 81 -3.30 -15.63 -1.38
CA ARG A 81 -4.36 -15.64 -2.40
C ARG A 81 -4.77 -14.24 -2.82
N GLU A 82 -4.68 -13.26 -1.91
CA GLU A 82 -5.02 -11.89 -2.27
C GLU A 82 -3.97 -11.29 -3.21
N ARG A 83 -2.69 -11.68 -3.05
CA ARG A 83 -1.70 -11.27 -4.04
C ARG A 83 -1.91 -11.98 -5.36
N ARG A 84 -2.22 -13.27 -5.31
CA ARG A 84 -2.46 -14.01 -6.55
C ARG A 84 -3.60 -13.37 -7.34
N GLN A 85 -4.63 -12.89 -6.62
CA GLN A 85 -5.76 -12.24 -7.29
C GLN A 85 -5.30 -11.05 -8.11
N ILE A 86 -4.39 -10.24 -7.54
CA ILE A 86 -3.93 -9.04 -8.25
C ILE A 86 -3.20 -9.43 -9.52
N PHE A 87 -2.18 -10.30 -9.41
CA PHE A 87 -1.41 -10.70 -10.58
C PHE A 87 -2.32 -11.28 -11.67
N THR A 88 -3.19 -12.22 -11.29
CA THR A 88 -3.96 -12.94 -12.29
C THR A 88 -4.98 -12.02 -12.95
N THR A 89 -5.68 -11.20 -12.16
CA THR A 89 -6.70 -10.32 -12.73
C THR A 89 -6.10 -9.24 -13.61
N ILE A 90 -5.03 -8.58 -13.15
CA ILE A 90 -4.42 -7.53 -13.96
C ILE A 90 -3.81 -8.13 -15.23
N ASP A 91 -3.15 -9.28 -15.11
CA ASP A 91 -2.60 -9.92 -16.32
C ASP A 91 -3.70 -10.33 -17.29
N GLN A 92 -4.86 -10.79 -16.79
CA GLN A 92 -5.94 -11.19 -17.69
C GLN A 92 -6.58 -10.03 -18.41
N LYS A 93 -6.67 -8.87 -17.77
CA LYS A 93 -7.47 -7.76 -18.27
C LYS A 93 -6.65 -6.63 -18.85
N ARG A 94 -5.32 -6.64 -18.69
CA ARG A 94 -4.56 -5.47 -19.10
C ARG A 94 -4.67 -5.21 -20.60
N ASP A 95 -4.83 -6.27 -21.41
CA ASP A 95 -4.98 -6.06 -22.85
C ASP A 95 -6.26 -5.30 -23.21
N GLU A 96 -7.24 -5.22 -22.32
CA GLU A 96 -8.42 -4.39 -22.60
C GLU A 96 -8.09 -2.91 -22.52
N HIS A 97 -7.00 -2.55 -21.85
CA HIS A 97 -6.69 -1.15 -21.54
C HIS A 97 -5.35 -0.69 -22.09
N LEU A 98 -4.36 -1.56 -22.14
CA LEU A 98 -3.00 -1.15 -22.46
C LEU A 98 -2.54 -1.82 -23.75
N ASP A 99 -1.81 -1.06 -24.56
CA ASP A 99 -1.17 -1.62 -25.75
C ASP A 99 0.11 -2.35 -25.35
N ASP A 100 0.74 -3.02 -26.32
CA ASP A 100 1.86 -3.88 -26.02
C ASP A 100 3.16 -3.12 -25.77
N THR A 101 3.16 -1.79 -25.88
CA THR A 101 4.35 -1.03 -25.54
C THR A 101 4.43 -0.68 -24.07
N VAL A 102 3.41 -1.01 -23.28
CA VAL A 102 3.37 -0.66 -21.87
C VAL A 102 3.90 -1.83 -21.05
N ASP A 103 4.91 -1.56 -20.22
CA ASP A 103 5.51 -2.57 -19.35
C ASP A 103 5.02 -2.31 -17.92
N LEU A 104 4.45 -3.33 -17.30
CA LEU A 104 3.89 -3.23 -15.96
C LEU A 104 4.85 -3.87 -14.96
N LYS A 105 5.18 -3.13 -13.91
CA LYS A 105 5.99 -3.69 -12.83
C LYS A 105 5.19 -3.67 -11.54
N TYR A 106 5.31 -4.76 -10.77
CA TYR A 106 4.62 -4.91 -9.49
C TYR A 106 5.67 -4.75 -8.41
N ILE A 107 5.46 -3.80 -7.50
CA ILE A 107 6.40 -3.56 -6.40
C ILE A 107 5.69 -3.87 -5.10
N ALA A 108 6.16 -4.89 -4.40
CA ALA A 108 5.62 -5.19 -3.08
C ALA A 108 6.11 -4.17 -2.06
N ILE A 109 5.20 -3.71 -1.21
CA ILE A 109 5.54 -2.85 -0.07
C ILE A 109 5.26 -3.68 1.17
N ASN A 110 6.31 -4.21 1.80
CA ASN A 110 6.13 -5.15 2.90
C ASN A 110 6.04 -4.39 4.23
N PHE A 111 4.87 -4.40 4.84
CA PHE A 111 4.64 -3.60 6.03
C PHE A 111 4.97 -4.34 7.32
N ILE A 112 5.13 -5.67 7.26
CA ILE A 112 5.33 -6.45 8.48
C ILE A 112 6.68 -7.15 8.41
N PRO A 113 7.68 -6.68 9.18
CA PRO A 113 9.01 -7.30 9.12
C PRO A 113 8.96 -8.79 9.47
N GLU A 114 9.85 -9.55 8.82
CA GLU A 114 9.88 -11.00 9.00
C GLU A 114 10.11 -11.39 10.45
N ASP A 115 10.90 -10.57 11.19
CA ASP A 115 11.26 -10.88 12.57
C ASP A 115 10.25 -10.38 13.59
N LEU A 116 9.10 -9.88 13.16
CA LEU A 116 8.13 -9.30 14.09
C LEU A 116 7.22 -10.39 14.64
N SER A 117 7.09 -10.45 15.95
CA SER A 117 6.20 -11.44 16.51
C SER A 117 4.75 -10.99 16.33
N GLU A 118 3.85 -11.97 16.35
CA GLU A 118 2.42 -11.67 16.27
C GLU A 118 2.00 -10.79 17.44
N GLU A 119 2.59 -11.04 18.62
CA GLU A 119 2.30 -10.25 19.80
C GLU A 119 2.64 -8.77 19.60
N GLU A 120 3.84 -8.49 19.08
CA GLU A 120 4.24 -7.11 18.80
C GLU A 120 3.40 -6.51 17.68
N LEU A 121 3.13 -7.29 16.63
CA LEU A 121 2.26 -6.80 15.56
C LEU A 121 0.91 -6.36 16.12
N TRP A 122 0.34 -7.17 17.00
CA TRP A 122 -0.94 -6.82 17.60
C TRP A 122 -0.82 -5.59 18.48
N ASP A 123 0.19 -5.55 19.35
CA ASP A 123 0.31 -4.43 20.29
C ASP A 123 0.44 -3.11 19.54
N ILE A 124 1.21 -3.07 18.46
CA ILE A 124 1.41 -1.83 17.73
C ILE A 124 0.15 -1.44 16.98
N THR A 125 -0.38 -2.36 16.18
CA THR A 125 -1.48 -2.00 15.28
C THR A 125 -2.80 -1.84 16.03
N TYR A 126 -3.10 -2.72 16.99
CA TYR A 126 -4.37 -2.58 17.71
C TYR A 126 -4.42 -1.27 18.50
N ASN A 127 -3.31 -0.92 19.16
CA ASN A 127 -3.31 0.32 19.92
C ASN A 127 -3.40 1.53 19.00
N ARG A 128 -2.76 1.47 17.82
CA ARG A 128 -2.96 2.52 16.82
C ARG A 128 -4.43 2.69 16.49
N VAL A 129 -5.14 1.59 16.28
CA VAL A 129 -6.50 1.68 15.76
C VAL A 129 -7.47 2.17 16.83
N ILE A 130 -7.31 1.70 18.08
CA ILE A 130 -8.26 2.13 19.11
C ILE A 130 -7.98 3.56 19.54
N GLN A 131 -6.71 3.96 19.52
CA GLN A 131 -6.34 5.29 20.00
C GLN A 131 -6.61 6.35 18.94
N ARG A 132 -6.34 6.02 17.67
CA ARG A 132 -6.34 7.00 16.60
C ARG A 132 -7.38 6.72 15.52
N GLY A 133 -8.00 5.55 15.52
CA GLY A 133 -9.01 5.25 14.54
C GLY A 133 -8.41 4.68 13.26
N ASP A 134 -9.29 4.04 12.49
CA ASP A 134 -8.90 3.47 11.21
C ASP A 134 -10.07 3.61 10.26
N ASN A 135 -9.78 3.58 8.96
CA ASN A 135 -10.79 3.80 7.94
C ASN A 135 -11.22 2.52 7.24
N HIS A 136 -10.72 1.36 7.67
CA HIS A 136 -11.20 0.08 7.15
C HIS A 136 -12.72 0.02 7.27
N GLN A 137 -13.38 -0.35 6.17
CA GLN A 137 -14.81 -0.13 6.01
C GLN A 137 -15.62 -0.70 7.17
N SER A 138 -15.28 -1.91 7.61
CA SER A 138 -16.10 -2.62 8.59
C SER A 138 -15.89 -2.12 10.02
N ILE A 139 -14.90 -1.27 10.28
CA ILE A 139 -14.54 -0.91 11.65
C ILE A 139 -14.38 0.61 11.81
N LYS A 140 -14.64 1.36 10.75
CA LYS A 140 -14.41 2.81 10.78
C LYS A 140 -15.26 3.50 11.85
N SER A 141 -16.33 2.86 12.31
CA SER A 141 -17.26 3.47 13.26
C SER A 141 -16.79 3.35 14.71
N GLN A 142 -16.17 2.23 15.09
CA GLN A 142 -15.65 2.00 16.44
C GLN A 142 -16.76 1.81 17.47
N LEU A 143 -17.96 1.40 17.06
CA LEU A 143 -19.04 1.26 18.03
C LEU A 143 -18.84 0.03 18.92
N ASP A 144 -19.01 -1.17 18.36
CA ASP A 144 -18.64 -2.36 19.13
C ASP A 144 -17.14 -2.53 19.02
N GLU A 145 -16.44 -2.13 20.10
CA GLU A 145 -15.00 -2.32 20.13
C GLU A 145 -14.62 -3.79 19.94
N ASN A 146 -15.46 -4.70 20.44
CA ASN A 146 -15.22 -6.13 20.24
C ASN A 146 -15.20 -6.49 18.77
N LEU A 147 -15.97 -5.77 17.95
CA LEU A 147 -15.99 -6.05 16.52
C LEU A 147 -14.69 -5.62 15.85
N VAL A 148 -14.17 -4.45 16.22
CA VAL A 148 -12.87 -4.01 15.73
C VAL A 148 -11.82 -5.08 16.00
N GLU A 149 -11.82 -5.61 17.23
CA GLU A 149 -10.86 -6.65 17.57
C GLU A 149 -11.03 -7.87 16.68
N SER A 150 -12.27 -8.33 16.49
CA SER A 150 -12.53 -9.54 15.73
C SER A 150 -12.12 -9.39 14.27
N VAL A 151 -12.40 -8.26 13.66
CA VAL A 151 -12.02 -8.05 12.27
C VAL A 151 -10.50 -7.98 12.13
N MET A 152 -9.85 -7.23 13.02
CA MET A 152 -8.39 -7.14 12.95
C MET A 152 -7.75 -8.51 13.14
N LYS A 153 -8.31 -9.33 14.03
CA LYS A 153 -7.79 -10.67 14.23
C LYS A 153 -7.97 -11.55 13.00
N GLY A 154 -9.04 -11.30 12.22
CA GLY A 154 -9.23 -12.05 10.98
C GLY A 154 -8.08 -11.85 10.01
N PHE A 155 -7.69 -10.60 9.78
CA PHE A 155 -6.59 -10.30 8.85
C PHE A 155 -5.27 -10.88 9.35
N ILE A 156 -5.05 -10.89 10.67
CA ILE A 156 -3.82 -11.47 11.19
C ILE A 156 -3.85 -12.98 11.08
N GLN A 157 -5.02 -13.60 11.30
CA GLN A 157 -5.10 -15.05 11.20
C GLN A 157 -4.83 -15.51 9.77
N ARG A 158 -5.24 -14.70 8.79
CA ARG A 158 -5.03 -15.02 7.38
C ARG A 158 -3.65 -14.61 6.86
N TYR A 159 -2.85 -13.92 7.67
CA TYR A 159 -1.60 -13.33 7.19
C TYR A 159 -0.60 -14.42 6.83
N GLN A 160 -0.08 -14.34 5.62
CA GLN A 160 0.98 -15.23 5.15
C GLN A 160 2.12 -14.36 4.65
N PRO A 161 3.28 -14.39 5.30
CA PRO A 161 4.38 -13.48 4.92
C PRO A 161 4.76 -13.63 3.45
N ILE A 162 5.34 -12.55 2.92
CA ILE A 162 5.79 -12.58 1.53
C ILE A 162 6.80 -13.69 1.36
N ASN A 163 6.74 -14.37 0.21
CA ASN A 163 7.68 -15.46 -0.09
C ASN A 163 7.95 -15.42 -1.59
N THR A 164 8.97 -14.67 -1.98
CA THR A 164 9.32 -14.50 -3.39
C THR A 164 9.97 -15.73 -3.99
N SER A 165 10.15 -16.83 -3.23
CA SER A 165 10.72 -18.03 -3.82
C SER A 165 9.68 -18.91 -4.51
N ARG A 166 8.39 -18.60 -4.36
CA ARG A 166 7.34 -19.45 -4.92
C ARG A 166 6.15 -18.58 -5.32
N SER A 167 5.24 -19.19 -6.07
CA SER A 167 4.01 -18.52 -6.47
C SER A 167 3.18 -18.17 -5.23
N PRO A 168 2.52 -16.99 -5.20
CA PRO A 168 2.43 -15.97 -6.24
C PRO A 168 3.44 -14.82 -6.11
N ASP A 169 4.10 -14.70 -4.96
CA ASP A 169 4.91 -13.51 -4.69
C ASP A 169 6.15 -13.47 -5.56
N ASP A 170 6.52 -14.59 -6.19
CA ASP A 170 7.65 -14.56 -7.11
C ASP A 170 7.38 -13.69 -8.33
N GLN A 171 6.13 -13.26 -8.54
CA GLN A 171 5.83 -12.38 -9.67
C GLN A 171 6.15 -10.92 -9.38
N PHE A 172 6.38 -10.54 -8.12
CA PHE A 172 6.82 -9.18 -7.85
C PHE A 172 8.16 -8.90 -8.53
N ASP A 173 8.29 -7.69 -9.08
CA ASP A 173 9.55 -7.27 -9.68
C ASP A 173 10.55 -6.75 -8.65
N HIS A 174 10.08 -6.41 -7.45
CA HIS A 174 10.87 -5.70 -6.46
C HIS A 174 10.08 -5.69 -5.17
N VAL A 175 10.79 -5.79 -4.05
CA VAL A 175 10.17 -5.71 -2.72
C VAL A 175 10.86 -4.60 -1.95
N ILE A 176 10.06 -3.70 -1.38
CA ILE A 176 10.55 -2.68 -0.46
C ILE A 176 10.17 -3.12 0.95
N HIS A 177 11.18 -3.26 1.82
CA HIS A 177 10.97 -3.76 3.18
C HIS A 177 10.85 -2.59 4.15
N LEU A 178 9.71 -2.48 4.82
CA LEU A 178 9.44 -1.39 5.73
C LEU A 178 9.74 -1.80 7.17
N LYS A 179 9.71 -0.81 8.05
CA LYS A 179 9.86 -1.05 9.47
C LYS A 179 8.49 -0.99 10.13
N LEU A 180 8.37 -1.64 11.30
CA LEU A 180 7.14 -1.51 12.07
C LEU A 180 7.56 -1.46 13.53
N SER A 181 7.42 -0.27 14.12
CA SER A 181 8.02 0.03 15.39
C SER A 181 7.08 0.93 16.17
N LYS A 182 7.13 0.80 17.48
CA LYS A 182 6.73 1.92 18.33
C LYS A 182 7.48 3.14 17.84
N ASP A 183 6.85 4.30 17.93
CA ASP A 183 7.53 5.51 17.54
C ASP A 183 8.66 5.74 18.54
N GLU A 184 9.82 6.12 18.03
CA GLU A 184 10.95 6.43 18.89
C GLU A 184 11.61 7.71 18.42
N ASN A 185 12.19 8.45 19.37
CA ASN A 185 12.87 9.70 19.06
C ASN A 185 11.98 10.66 18.29
N SER A 186 10.71 10.70 18.68
CA SER A 186 9.71 11.58 18.08
C SER A 186 9.56 11.39 16.56
N LEU A 187 9.98 10.24 16.03
CA LEU A 187 9.89 9.94 14.60
C LEU A 187 8.85 8.85 14.41
N LYS A 188 7.76 9.19 13.72
CA LYS A 188 6.73 8.21 13.44
C LYS A 188 7.25 7.13 12.49
N SER A 189 6.91 5.89 12.81
CA SER A 189 7.29 4.74 12.00
C SER A 189 6.90 4.94 10.54
N SER A 190 5.69 5.43 10.31
CA SER A 190 5.20 5.60 8.93
C SER A 190 6.02 6.64 8.17
N LEU A 191 6.48 7.70 8.85
CA LEU A 191 7.34 8.68 8.19
C LEU A 191 8.68 8.06 7.83
N GLU A 192 9.25 7.29 8.75
CA GLU A 192 10.46 6.56 8.40
C GLU A 192 10.22 5.72 7.15
N ASN A 193 9.05 5.11 7.03
CA ASN A 193 8.78 4.21 5.91
C ASN A 193 8.60 4.97 4.60
N VAL A 194 7.96 6.14 4.66
CA VAL A 194 7.90 7.01 3.49
C VAL A 194 9.31 7.31 2.99
N ARG A 195 10.23 7.63 3.90
CA ARG A 195 11.59 7.91 3.49
C ARG A 195 12.27 6.67 2.90
N ILE A 196 12.01 5.50 3.48
CA ILE A 196 12.59 4.25 2.96
C ILE A 196 12.13 4.02 1.53
N ILE A 197 10.84 4.17 1.28
CA ILE A 197 10.28 4.00 -0.06
C ILE A 197 10.92 4.98 -1.04
N ILE A 198 11.00 6.26 -0.66
CA ILE A 198 11.54 7.26 -1.59
C ILE A 198 13.00 6.95 -1.92
N ASP A 199 13.81 6.70 -0.89
CA ASP A 199 15.22 6.37 -1.12
C ASP A 199 15.36 5.12 -1.98
N ASP A 200 14.50 4.12 -1.73
CA ASP A 200 14.59 2.86 -2.46
C ASP A 200 14.28 3.06 -3.95
N LEU A 201 13.23 3.84 -4.24
CA LEU A 201 12.87 4.11 -5.64
C LEU A 201 13.95 4.90 -6.36
N VAL A 202 14.49 5.93 -5.70
CA VAL A 202 15.58 6.71 -6.31
C VAL A 202 16.73 5.79 -6.70
N GLN A 203 16.99 4.77 -5.88
CA GLN A 203 18.10 3.86 -6.16
C GLN A 203 17.73 2.88 -7.27
N ASN A 204 16.56 2.26 -7.18
CA ASN A 204 16.25 1.11 -8.03
C ASN A 204 15.38 1.45 -9.25
N PHE A 205 14.67 2.57 -9.22
CA PHE A 205 13.85 3.00 -10.35
C PHE A 205 14.03 4.50 -10.55
N PRO A 206 15.24 4.92 -10.96
CA PRO A 206 15.56 6.36 -10.98
C PRO A 206 14.68 7.17 -11.90
N ASP A 207 14.16 6.57 -12.96
CA ASP A 207 13.33 7.35 -13.87
C ASP A 207 11.93 7.59 -13.33
N LEU A 208 11.56 6.98 -12.21
CA LEU A 208 10.24 7.21 -11.65
C LEU A 208 10.16 8.55 -10.92
N ILE A 209 11.03 8.75 -9.93
CA ILE A 209 11.08 10.01 -9.19
C ILE A 209 12.07 10.93 -9.89
N LYS A 210 11.54 11.86 -10.70
CA LYS A 210 12.39 12.75 -11.49
C LYS A 210 13.18 13.70 -10.60
N GLU A 211 12.63 14.10 -9.46
CA GLU A 211 13.35 14.93 -8.50
C GLU A 211 13.01 14.48 -7.08
N LYS A 212 14.03 14.19 -6.29
CA LYS A 212 13.81 13.77 -4.91
C LYS A 212 13.38 14.97 -4.07
N PRO A 213 12.28 14.87 -3.32
CA PRO A 213 11.79 16.03 -2.58
C PRO A 213 12.63 16.35 -1.35
N ALA A 214 12.58 17.62 -0.97
CA ALA A 214 13.26 18.12 0.23
C ALA A 214 12.69 17.47 1.48
N ASP A 215 13.54 17.29 2.48
CA ASP A 215 13.09 16.58 3.68
C ASP A 215 11.96 17.33 4.36
N GLU A 216 12.02 18.67 4.36
CA GLU A 216 10.94 19.45 4.97
C GLU A 216 9.62 19.28 4.22
N LEU A 217 9.68 19.07 2.91
CA LEU A 217 8.47 18.79 2.14
C LEU A 217 7.93 17.41 2.47
N ILE A 218 8.82 16.42 2.60
CA ILE A 218 8.37 15.10 3.02
C ILE A 218 7.70 15.18 4.39
N ASN A 219 8.34 15.86 5.35
CA ASN A 219 7.75 16.01 6.68
C ASN A 219 6.39 16.70 6.62
N GLU A 220 6.29 17.76 5.82
CA GLU A 220 5.03 18.49 5.74
C GLU A 220 3.95 17.65 5.09
N CYS A 221 4.30 16.93 4.03
CA CYS A 221 3.29 16.07 3.39
C CYS A 221 2.85 14.96 4.32
N PHE A 222 3.74 14.51 5.22
CA PHE A 222 3.37 13.49 6.18
C PHE A 222 2.50 14.07 7.30
N GLN A 223 2.87 15.25 7.81
CA GLN A 223 2.02 15.95 8.77
C GLN A 223 0.60 16.09 8.23
N LYS A 224 0.47 16.48 6.96
CA LYS A 224 -0.85 16.61 6.35
C LYS A 224 -1.60 15.28 6.37
N ALA A 225 -0.94 14.18 6.00
CA ALA A 225 -1.60 12.89 5.98
C ALA A 225 -2.01 12.48 7.37
N LEU A 226 -1.16 12.80 8.35
CA LEU A 226 -1.34 12.32 9.70
C LEU A 226 -2.50 13.02 10.37
N ASP A 227 -2.68 14.32 10.09
CA ASP A 227 -3.73 15.13 10.70
C ASP A 227 -5.04 15.08 9.93
N TYR A 228 -5.22 14.12 9.03
CA TYR A 228 -6.45 13.99 8.26
C TYR A 228 -7.40 13.07 9.03
N LYS A 229 -8.48 13.66 9.56
CA LYS A 229 -9.43 12.95 10.41
C LYS A 229 -10.81 12.98 9.76
N PRO A 230 -11.15 11.98 8.91
CA PRO A 230 -12.53 11.90 8.43
C PRO A 230 -13.48 11.36 9.49
#